data_7AWP
#
_entry.id   7AWP
#
_cell.length_a   124.375
_cell.length_b   124.375
_cell.length_c   91.438
_cell.angle_alpha   90.000
_cell.angle_beta   90.000
_cell.angle_gamma   120.000
#
_symmetry.space_group_name_H-M   'P 63'
#
loop_
_entity.id
_entity.type
_entity.pdbx_description
1 polymer 'Excitatory amino acid transporter 1,Neutral amino acid transporter B(0),Excitatory amino acid transporter 1'
2 non-polymer 2-Amino-5,6,7,8-tetrahydro-4-(4-methoxyphenyl)-7-(naphthalen-1-yl)-5-oxo-4H-chromene-3-carbonitrile
3 non-polymer 'BARIUM ION'
4 non-polymer 'RUBIDIUM ION'
#
_entity_poly.entity_id   1
_entity_poly.type   'polypeptide(L)'
_entity_poly.pdbx_seq_one_letter_code
;MTKSNGEEPKMGGRMERFQQGVSKRTLLAKKKVQNITKEDVKSFLRRNALLLLTVLAVILGVVLGFLLRPYPLSPREVKY
FAFPGELLMRMLKMLILPLIVSSLITGLASLDAKASGRLGMRAVVYYMSTTIIAVVLGIILVLIIHPGAASAAITASVGA
AGSAENAPSKEVLDCFLDLARNIFPSNLVSAAFRSYSTTYEERTITGTRVKVPVGQEVEGMNILGLVVFSIVFGIALGKM
GEQGQLLVDFFNSLNEATMKLVAIIMWYAPLGILFLIAGKIVEMEDLEVLGGQLGMYMVTVIVGLVIHGLIVLPLIYFLI
TRKNPFVFIAGILQALITALGTSSSSATLPITFKCLEENNGVDKRITRFVLPVGATINMDGTALYEAVAAIFIAQVNNYE
LDFGQIITISITATAASIGAAGIPQAGLVTMVIVLTAVGLPTDDITLIIAVDWLLDRFRTMVNVLGDALGAGIVEHLSRK
ELEKQDAELGNSVIEENEMKKPYQLIAQDNETEKPIDSETKM
;
_entity_poly.pdbx_strand_id   A
#
loop_
_chem_comp.id
_chem_comp.type
_chem_comp.name
_chem_comp.formula
6Z6 non-polymer 2-Amino-5,6,7,8-tetrahydro-4-(4-methoxyphenyl)-7-(naphthalen-1-yl)-5-oxo-4H-chromene-3-carbonitrile 'C27 H22 N2 O3'
BA non-polymer 'BARIUM ION' 'Ba 2'
RB non-polymer 'RUBIDIUM ION' 'Rb 1'
#
# COMPACT_ATOMS: atom_id res chain seq x y z
N SER A 43 1.18 33.47 4.38
CA SER A 43 1.88 32.83 3.27
C SER A 43 1.80 31.29 3.33
N PHE A 44 1.85 30.71 4.56
CA PHE A 44 1.78 29.27 4.80
C PHE A 44 0.43 28.67 4.41
N LEU A 45 -0.66 29.41 4.70
CA LEU A 45 -2.04 29.01 4.39
C LEU A 45 -2.29 29.08 2.87
N ARG A 46 -1.54 29.95 2.17
CA ARG A 46 -1.62 30.17 0.73
C ARG A 46 -0.86 29.11 -0.07
N ARG A 47 0.41 28.82 0.31
CA ARG A 47 1.27 27.83 -0.36
C ARG A 47 0.74 26.42 -0.14
N ASN A 48 0.67 25.97 1.13
CA ASN A 48 0.19 24.66 1.53
C ASN A 48 -1.25 24.78 2.03
N ALA A 49 -2.20 24.80 1.10
CA ALA A 49 -3.63 24.97 1.40
C ALA A 49 -4.40 23.67 1.60
N LEU A 50 -4.27 22.71 0.66
CA LEU A 50 -5.00 21.44 0.70
C LEU A 50 -4.57 20.51 1.85
N LEU A 51 -3.28 20.52 2.25
CA LEU A 51 -2.81 19.67 3.34
C LEU A 51 -3.30 20.17 4.70
N LEU A 52 -3.50 21.50 4.86
CA LEU A 52 -4.05 22.09 6.08
C LEU A 52 -5.53 21.73 6.22
N LEU A 53 -6.20 21.54 5.06
CA LEU A 53 -7.61 21.14 4.99
C LEU A 53 -7.79 19.68 5.41
N THR A 54 -6.85 18.80 5.02
CA THR A 54 -6.88 17.37 5.38
C THR A 54 -6.55 17.17 6.86
N VAL A 55 -5.71 18.08 7.43
CA VAL A 55 -5.35 18.08 8.86
C VAL A 55 -6.61 18.52 9.62
N LEU A 56 -7.33 19.52 9.07
CA LEU A 56 -8.59 20.02 9.61
C LEU A 56 -9.66 18.93 9.53
N ALA A 57 -9.64 18.13 8.44
CA ALA A 57 -10.57 17.01 8.21
C ALA A 57 -10.40 15.88 9.23
N VAL A 58 -9.14 15.57 9.62
CA VAL A 58 -8.82 14.53 10.60
C VAL A 58 -9.38 14.90 11.99
N ILE A 59 -9.07 16.13 12.46
CA ILE A 59 -9.54 16.62 13.76
C ILE A 59 -11.06 16.81 13.78
N LEU A 60 -11.64 17.39 12.70
CA LEU A 60 -13.08 17.60 12.58
C LEU A 60 -13.82 16.28 12.45
N GLY A 61 -13.17 15.27 11.87
CA GLY A 61 -13.72 13.94 11.71
C GLY A 61 -13.83 13.20 13.02
N VAL A 62 -12.82 13.38 13.90
CA VAL A 62 -12.77 12.78 15.23
C VAL A 62 -13.79 13.49 16.14
N VAL A 63 -13.74 14.84 16.17
CA VAL A 63 -14.62 15.70 16.98
C VAL A 63 -16.11 15.49 16.65
N LEU A 64 -16.50 15.60 15.35
CA LEU A 64 -17.88 15.40 14.91
C LEU A 64 -18.35 13.96 15.16
N GLY A 65 -17.43 13.00 15.04
CA GLY A 65 -17.68 11.59 15.29
C GLY A 65 -17.94 11.34 16.77
N PHE A 66 -17.15 11.99 17.65
CA PHE A 66 -17.28 11.90 19.10
C PHE A 66 -18.47 12.73 19.61
N LEU A 67 -18.92 13.73 18.81
CA LEU A 67 -20.08 14.58 19.10
C LEU A 67 -21.34 13.74 18.88
N LEU A 68 -21.29 12.84 17.88
CA LEU A 68 -22.37 11.92 17.52
C LEU A 68 -21.98 10.47 17.87
N ARG A 69 -21.24 10.30 18.99
CA ARG A 69 -20.78 9.01 19.51
C ARG A 69 -21.95 8.14 20.06
N PRO A 70 -22.86 8.62 20.97
CA PRO A 70 -23.96 7.73 21.40
C PRO A 70 -24.87 7.45 20.21
N TYR A 71 -24.77 6.22 19.68
CA TYR A 71 -25.49 5.81 18.48
C TYR A 71 -26.85 5.15 18.76
N PRO A 72 -27.98 5.89 18.58
CA PRO A 72 -29.30 5.27 18.77
C PRO A 72 -29.77 4.57 17.49
N LEU A 73 -29.12 4.84 16.35
CA LEU A 73 -29.41 4.31 15.02
C LEU A 73 -28.68 3.00 14.74
N SER A 74 -29.36 2.11 13.98
CA SER A 74 -28.88 0.78 13.54
C SER A 74 -27.62 0.91 12.65
N PRO A 75 -26.68 -0.08 12.65
CA PRO A 75 -25.47 0.05 11.80
C PRO A 75 -25.71 0.31 10.29
N ARG A 76 -26.96 0.12 9.83
CA ARG A 76 -27.41 0.36 8.46
C ARG A 76 -27.37 1.87 8.18
N GLU A 77 -27.73 2.69 9.19
CA GLU A 77 -27.75 4.15 9.13
C GLU A 77 -26.34 4.76 9.20
N VAL A 78 -25.37 4.01 9.76
CA VAL A 78 -23.96 4.40 9.88
C VAL A 78 -23.35 4.39 8.46
N LYS A 79 -23.77 3.42 7.62
CA LYS A 79 -23.36 3.29 6.22
C LYS A 79 -23.81 4.51 5.42
N TYR A 80 -25.04 5.02 5.71
CA TYR A 80 -25.61 6.20 5.06
C TYR A 80 -24.91 7.49 5.49
N PHE A 81 -24.30 7.47 6.70
CA PHE A 81 -23.56 8.59 7.26
C PHE A 81 -22.13 8.64 6.72
N ALA A 82 -21.47 7.47 6.55
CA ALA A 82 -20.11 7.34 6.03
C ALA A 82 -20.06 7.36 4.49
N PHE A 83 -21.20 7.69 3.87
CA PHE A 83 -21.38 7.76 2.42
C PHE A 83 -20.48 8.79 1.70
N PRO A 84 -20.29 10.06 2.16
CA PRO A 84 -19.41 10.99 1.41
C PRO A 84 -17.94 10.56 1.30
N GLY A 85 -17.51 9.68 2.22
CA GLY A 85 -16.17 9.11 2.23
C GLY A 85 -16.10 7.84 1.41
N GLU A 86 -17.24 7.15 1.30
CA GLU A 86 -17.44 5.92 0.53
C GLU A 86 -17.33 6.25 -0.96
N LEU A 87 -17.78 7.47 -1.36
CA LEU A 87 -17.71 7.95 -2.74
C LEU A 87 -16.26 8.20 -3.17
N LEU A 88 -15.42 8.74 -2.26
CA LEU A 88 -13.99 9.00 -2.51
C LEU A 88 -13.26 7.70 -2.80
N MET A 89 -13.57 6.63 -2.04
CA MET A 89 -12.99 5.29 -2.20
C MET A 89 -13.32 4.71 -3.58
N ARG A 90 -14.57 4.90 -4.07
CA ARG A 90 -15.03 4.45 -5.39
C ARG A 90 -14.26 5.22 -6.48
N MET A 91 -14.05 6.54 -6.26
CA MET A 91 -13.31 7.44 -7.17
C MET A 91 -11.83 7.07 -7.23
N LEU A 92 -11.27 6.57 -6.11
CA LEU A 92 -9.88 6.16 -6.01
C LEU A 92 -9.66 4.77 -6.61
N LYS A 93 -10.58 3.81 -6.30
CA LYS A 93 -10.56 2.42 -6.82
C LYS A 93 -10.71 2.41 -8.33
N MET A 94 -11.48 3.39 -8.86
CA MET A 94 -11.74 3.62 -10.28
C MET A 94 -10.41 3.75 -11.01
N LEU A 95 -9.54 4.64 -10.49
CA LEU A 95 -8.24 5.01 -11.03
C LEU A 95 -7.06 4.07 -10.72
N ILE A 96 -7.22 3.07 -9.81
CA ILE A 96 -6.14 2.13 -9.47
C ILE A 96 -5.68 1.34 -10.72
N LEU A 97 -6.63 0.61 -11.34
CA LEU A 97 -6.47 -0.23 -12.53
C LEU A 97 -5.87 0.52 -13.75
N PRO A 98 -6.40 1.67 -14.25
CA PRO A 98 -5.76 2.31 -15.41
C PRO A 98 -4.47 3.07 -15.09
N LEU A 99 -4.08 3.11 -13.80
CA LEU A 99 -2.83 3.73 -13.36
C LEU A 99 -1.75 2.66 -13.26
N ILE A 100 -2.05 1.52 -12.57
CA ILE A 100 -1.12 0.40 -12.36
C ILE A 100 -0.65 -0.20 -13.71
N VAL A 101 -1.59 -0.46 -14.63
CA VAL A 101 -1.34 -1.02 -15.98
C VAL A 101 -0.45 -0.08 -16.80
N SER A 102 -0.86 1.21 -16.91
CA SER A 102 -0.15 2.23 -17.68
C SER A 102 1.20 2.67 -17.07
N SER A 103 1.35 2.63 -15.73
CA SER A 103 2.59 3.04 -15.06
C SER A 103 3.75 2.11 -15.38
N LEU A 104 3.55 0.79 -15.19
CA LEU A 104 4.59 -0.23 -15.42
C LEU A 104 4.95 -0.42 -16.90
N ILE A 105 3.94 -0.46 -17.81
CA ILE A 105 4.13 -0.66 -19.26
C ILE A 105 5.09 0.39 -19.84
N THR A 106 4.92 1.67 -19.46
CA THR A 106 5.79 2.76 -19.90
C THR A 106 7.09 2.80 -19.08
N GLY A 107 6.98 2.44 -17.79
CA GLY A 107 8.07 2.41 -16.82
C GLY A 107 9.21 1.47 -17.15
N LEU A 108 8.90 0.31 -17.76
CA LEU A 108 9.89 -0.69 -18.17
C LEU A 108 10.34 -0.51 -19.63
N ALA A 109 9.55 0.23 -20.43
CA ALA A 109 9.84 0.51 -21.84
C ALA A 109 10.78 1.71 -21.99
N SER A 110 10.61 2.75 -21.16
CA SER A 110 11.42 3.97 -21.14
C SER A 110 12.86 3.65 -20.73
N LEU A 111 13.01 2.62 -19.89
CA LEU A 111 14.27 2.09 -19.38
C LEU A 111 14.75 0.97 -20.28
N ASP A 112 16.08 0.82 -20.41
CA ASP A 112 16.71 -0.24 -21.22
C ASP A 112 16.48 -1.60 -20.53
N ALA A 113 16.01 -2.60 -21.29
CA ALA A 113 15.72 -3.96 -20.81
C ALA A 113 16.84 -4.60 -19.95
N LYS A 114 18.11 -4.25 -20.24
CA LYS A 114 19.29 -4.75 -19.51
C LYS A 114 19.50 -3.97 -18.21
N ALA A 115 19.40 -2.63 -18.26
CA ALA A 115 19.57 -1.74 -17.11
C ALA A 115 18.41 -1.82 -16.11
N SER A 116 17.15 -1.87 -16.62
CA SER A 116 15.92 -1.96 -15.82
C SER A 116 15.87 -3.23 -14.99
N GLY A 117 16.36 -4.33 -15.56
CA GLY A 117 16.46 -5.62 -14.89
C GLY A 117 17.45 -5.58 -13.75
N ARG A 118 18.47 -4.70 -13.85
CA ARG A 118 19.51 -4.50 -12.83
C ARG A 118 19.07 -3.58 -11.69
N LEU A 119 18.47 -2.40 -12.00
CA LEU A 119 17.97 -1.49 -10.96
C LEU A 119 16.71 -2.04 -10.29
N GLY A 120 16.10 -3.04 -10.94
CA GLY A 120 14.96 -3.79 -10.44
C GLY A 120 15.42 -4.69 -9.31
N MET A 121 16.60 -5.33 -9.47
CA MET A 121 17.23 -6.18 -8.47
C MET A 121 17.69 -5.31 -7.30
N ARG A 122 18.07 -4.05 -7.60
CA ARG A 122 18.47 -3.03 -6.62
C ARG A 122 17.26 -2.62 -5.78
N ALA A 123 16.06 -2.63 -6.39
CA ALA A 123 14.81 -2.32 -5.69
C ALA A 123 14.40 -3.49 -4.79
N VAL A 124 14.67 -4.75 -5.22
CA VAL A 124 14.39 -5.99 -4.46
C VAL A 124 15.20 -5.99 -3.16
N VAL A 125 16.43 -5.44 -3.20
CA VAL A 125 17.34 -5.29 -2.06
C VAL A 125 16.61 -4.51 -0.96
N TYR A 126 15.91 -3.42 -1.32
CA TYR A 126 15.14 -2.60 -0.39
C TYR A 126 13.94 -3.37 0.20
N TYR A 127 13.12 -4.01 -0.67
CA TYR A 127 11.93 -4.77 -0.26
C TYR A 127 12.23 -6.00 0.62
N MET A 128 13.46 -6.55 0.52
CA MET A 128 13.87 -7.72 1.30
C MET A 128 14.51 -7.34 2.64
N SER A 129 15.46 -6.38 2.62
CA SER A 129 16.18 -5.91 3.82
C SER A 129 15.27 -5.25 4.85
N THR A 130 14.40 -4.31 4.41
CA THR A 130 13.46 -3.59 5.30
C THR A 130 12.44 -4.52 5.95
N THR A 131 12.05 -5.60 5.24
CA THR A 131 11.11 -6.62 5.72
C THR A 131 11.81 -7.50 6.79
N ILE A 132 13.08 -7.91 6.53
CA ILE A 132 13.90 -8.73 7.44
C ILE A 132 14.06 -8.02 8.79
N ILE A 133 14.41 -6.72 8.77
CA ILE A 133 14.56 -5.88 9.97
C ILE A 133 13.21 -5.75 10.71
N ALA A 134 12.10 -5.57 9.96
CA ALA A 134 10.73 -5.45 10.50
C ALA A 134 10.27 -6.72 11.22
N VAL A 135 10.51 -7.90 10.59
CA VAL A 135 10.16 -9.22 11.13
C VAL A 135 10.94 -9.45 12.44
N VAL A 136 12.25 -9.07 12.44
CA VAL A 136 13.16 -9.17 13.59
C VAL A 136 12.70 -8.20 14.70
N LEU A 137 12.30 -6.97 14.32
CA LEU A 137 11.80 -5.92 15.23
C LEU A 137 10.52 -6.36 15.95
N GLY A 138 9.66 -7.09 15.25
CA GLY A 138 8.41 -7.62 15.77
C GLY A 138 8.56 -8.65 16.86
N ILE A 139 9.62 -9.49 16.77
CA ILE A 139 9.95 -10.54 17.73
C ILE A 139 10.54 -9.92 19.03
N ILE A 140 11.36 -8.86 18.90
CA ILE A 140 11.96 -8.14 20.04
C ILE A 140 10.87 -7.32 20.77
N LEU A 141 9.92 -6.76 20.00
CA LEU A 141 8.78 -5.96 20.47
C LEU A 141 7.84 -6.74 21.42
N VAL A 142 7.65 -8.06 21.16
CA VAL A 142 6.80 -8.93 21.98
C VAL A 142 7.59 -9.61 23.12
N LEU A 143 8.94 -9.71 22.99
CA LEU A 143 9.83 -10.32 23.97
C LEU A 143 9.97 -9.44 25.23
N ILE A 144 10.11 -8.11 25.06
CA ILE A 144 10.24 -7.14 26.17
C ILE A 144 8.85 -6.81 26.74
N ILE A 145 7.90 -6.39 25.88
CA ILE A 145 6.53 -6.05 26.29
C ILE A 145 5.56 -7.11 25.74
N HIS A 146 5.21 -8.10 26.59
CA HIS A 146 4.30 -9.18 26.22
C HIS A 146 2.87 -8.84 26.66
N PRO A 147 1.93 -8.59 25.71
CA PRO A 147 0.55 -8.25 26.11
C PRO A 147 -0.34 -9.47 26.29
N LYS A 170 -9.98 -23.61 3.20
CA LYS A 170 -8.64 -23.19 2.77
C LYS A 170 -7.55 -23.65 3.73
N GLU A 171 -6.39 -24.04 3.17
CA GLU A 171 -5.23 -24.53 3.92
C GLU A 171 -4.02 -23.57 3.82
N VAL A 172 -3.01 -23.77 4.69
CA VAL A 172 -1.77 -23.00 4.76
C VAL A 172 -0.97 -23.17 3.46
N LEU A 173 -0.81 -24.44 3.00
CA LEU A 173 -0.09 -24.79 1.77
C LEU A 173 -0.80 -24.23 0.53
N ASP A 174 -2.15 -24.15 0.58
CA ASP A 174 -2.98 -23.61 -0.50
C ASP A 174 -2.73 -22.14 -0.80
N CYS A 175 -2.34 -21.34 0.22
CA CYS A 175 -2.04 -19.92 0.07
C CYS A 175 -0.77 -19.66 -0.72
N PHE A 176 0.20 -20.60 -0.65
CA PHE A 176 1.46 -20.55 -1.40
C PHE A 176 1.21 -20.97 -2.85
N LEU A 177 0.12 -21.73 -3.08
CA LEU A 177 -0.31 -22.21 -4.40
C LEU A 177 -1.20 -21.16 -5.08
N ASP A 178 -2.07 -20.49 -4.29
CA ASP A 178 -2.96 -19.43 -4.76
C ASP A 178 -2.17 -18.20 -5.19
N LEU A 179 -1.05 -17.90 -4.48
CA LEU A 179 -0.14 -16.77 -4.76
C LEU A 179 0.53 -17.00 -6.12
N ALA A 180 0.97 -18.24 -6.39
CA ALA A 180 1.59 -18.63 -7.65
C ALA A 180 0.55 -18.63 -8.77
N ARG A 181 -0.69 -19.04 -8.46
CA ARG A 181 -1.80 -19.05 -9.42
C ARG A 181 -2.28 -17.64 -9.75
N ASN A 182 -2.13 -16.69 -8.80
CA ASN A 182 -2.51 -15.30 -8.99
C ASN A 182 -1.46 -14.54 -9.80
N ILE A 183 -0.16 -14.91 -9.64
CA ILE A 183 0.98 -14.30 -10.35
C ILE A 183 0.76 -14.39 -11.87
N PHE A 184 0.38 -15.57 -12.37
CA PHE A 184 0.08 -15.77 -13.79
C PHE A 184 -1.45 -15.83 -13.98
N PRO A 185 -2.11 -14.73 -14.40
CA PRO A 185 -3.58 -14.78 -14.56
C PRO A 185 -4.03 -15.62 -15.74
N SER A 186 -5.22 -16.22 -15.65
CA SER A 186 -5.80 -17.06 -16.71
C SER A 186 -6.48 -16.23 -17.79
N ASN A 187 -6.94 -15.03 -17.43
CA ASN A 187 -7.62 -14.10 -18.32
C ASN A 187 -7.38 -12.69 -17.77
N LEU A 188 -6.87 -11.77 -18.61
CA LEU A 188 -6.55 -10.41 -18.18
C LEU A 188 -7.78 -9.55 -17.87
N VAL A 189 -8.92 -9.80 -18.55
CA VAL A 189 -10.18 -9.10 -18.31
C VAL A 189 -10.71 -9.52 -16.93
N SER A 190 -10.60 -10.83 -16.61
CA SER A 190 -10.98 -11.40 -15.32
C SER A 190 -10.01 -10.93 -14.24
N ALA A 191 -8.72 -10.72 -14.59
CA ALA A 191 -7.66 -10.27 -13.67
C ALA A 191 -7.89 -8.82 -13.20
N ALA A 192 -8.52 -8.01 -14.07
CA ALA A 192 -8.81 -6.62 -13.80
C ALA A 192 -9.81 -6.40 -12.65
N PHE A 193 -10.58 -7.44 -12.24
CA PHE A 193 -11.57 -7.29 -11.17
C PHE A 193 -11.81 -8.55 -10.29
N ARG A 194 -11.31 -9.74 -10.68
CA ARG A 194 -11.48 -10.99 -9.93
C ARG A 194 -10.13 -11.60 -9.56
N SER A 195 -9.96 -11.97 -8.28
CA SER A 195 -8.75 -12.61 -7.77
C SER A 195 -8.98 -14.09 -7.49
N TYR A 196 -7.98 -14.94 -7.77
CA TYR A 196 -8.08 -16.37 -7.54
C TYR A 196 -7.68 -16.71 -6.11
N SER A 197 -8.51 -17.55 -5.45
CA SER A 197 -8.31 -18.05 -4.08
C SER A 197 -9.19 -19.29 -3.91
N THR A 198 -8.55 -20.44 -3.64
CA THR A 198 -9.23 -21.74 -3.48
C THR A 198 -10.24 -21.73 -2.34
N THR A 199 -11.48 -22.18 -2.63
CA THR A 199 -12.58 -22.26 -1.68
C THR A 199 -13.30 -23.60 -1.80
N TYR A 200 -13.79 -24.13 -0.66
CA TYR A 200 -14.51 -25.40 -0.60
C TYR A 200 -15.80 -25.31 0.21
N GLY A 215 -16.88 -21.40 -8.04
CA GLY A 215 -15.80 -20.67 -8.67
C GLY A 215 -14.83 -20.05 -7.68
N GLN A 216 -13.52 -20.33 -7.85
CA GLN A 216 -12.45 -19.83 -6.97
C GLN A 216 -12.18 -18.35 -7.18
N GLU A 217 -12.50 -17.85 -8.38
CA GLU A 217 -12.36 -16.43 -8.70
C GLU A 217 -13.44 -15.66 -7.95
N VAL A 218 -13.03 -14.62 -7.20
CA VAL A 218 -13.94 -13.78 -6.41
C VAL A 218 -13.60 -12.29 -6.57
N GLU A 219 -14.62 -11.41 -6.44
CA GLU A 219 -14.55 -9.95 -6.57
C GLU A 219 -13.39 -9.33 -5.78
N GLY A 220 -12.64 -8.48 -6.48
CA GLY A 220 -11.46 -7.80 -5.96
C GLY A 220 -10.31 -7.98 -6.92
N MET A 221 -9.82 -6.87 -7.49
CA MET A 221 -8.74 -6.76 -8.47
C MET A 221 -7.54 -7.68 -8.17
N ASN A 222 -7.05 -8.39 -9.20
CA ASN A 222 -5.88 -9.26 -9.09
C ASN A 222 -4.65 -8.43 -9.43
N ILE A 223 -4.27 -7.52 -8.52
CA ILE A 223 -3.13 -6.61 -8.66
C ILE A 223 -1.83 -7.40 -8.92
N LEU A 224 -1.61 -8.49 -8.17
CA LEU A 224 -0.45 -9.38 -8.29
C LEU A 224 -0.27 -9.97 -9.69
N GLY A 225 -1.39 -10.20 -10.39
CA GLY A 225 -1.39 -10.71 -11.76
C GLY A 225 -1.21 -9.66 -12.83
N LEU A 226 -1.84 -8.48 -12.63
CA LEU A 226 -1.77 -7.35 -13.54
C LEU A 226 -0.37 -6.71 -13.51
N VAL A 227 0.25 -6.63 -12.32
CA VAL A 227 1.61 -6.09 -12.12
C VAL A 227 2.61 -6.99 -12.85
N VAL A 228 2.49 -8.33 -12.67
CA VAL A 228 3.35 -9.34 -13.30
C VAL A 228 3.25 -9.25 -14.83
N PHE A 229 2.02 -9.23 -15.39
CA PHE A 229 1.85 -9.10 -16.84
C PHE A 229 2.45 -7.79 -17.34
N SER A 230 2.08 -6.65 -16.71
CA SER A 230 2.57 -5.31 -17.07
C SER A 230 4.10 -5.19 -17.11
N ILE A 231 4.80 -5.87 -16.20
CA ILE A 231 6.26 -5.86 -16.12
C ILE A 231 6.88 -6.60 -17.33
N VAL A 232 6.42 -7.83 -17.63
CA VAL A 232 6.95 -8.62 -18.76
C VAL A 232 6.46 -8.06 -20.11
N PHE A 233 5.27 -7.43 -20.13
CA PHE A 233 4.70 -6.82 -21.35
C PHE A 233 5.42 -5.50 -21.66
N GLY A 234 5.67 -4.71 -20.62
CA GLY A 234 6.36 -3.42 -20.70
C GLY A 234 7.81 -3.56 -21.16
N ILE A 235 8.51 -4.58 -20.64
CA ILE A 235 9.91 -4.86 -21.00
C ILE A 235 10.01 -5.44 -22.44
N ALA A 236 8.92 -6.09 -22.93
CA ALA A 236 8.84 -6.66 -24.28
C ALA A 236 8.77 -5.54 -25.33
N LEU A 237 8.31 -4.36 -24.91
CA LEU A 237 8.19 -3.16 -25.73
C LEU A 237 9.51 -2.41 -25.83
N GLY A 238 10.35 -2.55 -24.81
CA GLY A 238 11.69 -1.97 -24.77
C GLY A 238 12.59 -2.67 -25.77
N LYS A 239 12.34 -3.98 -25.97
CA LYS A 239 13.04 -4.85 -26.93
C LYS A 239 12.40 -4.75 -28.34
N MET A 240 11.23 -4.10 -28.45
CA MET A 240 10.49 -3.90 -29.71
C MET A 240 11.00 -2.67 -30.48
N GLY A 241 11.22 -1.58 -29.74
CA GLY A 241 11.70 -0.32 -30.29
C GLY A 241 10.71 0.39 -31.20
N GLU A 242 10.99 0.36 -32.52
CA GLU A 242 10.21 1.00 -33.59
C GLU A 242 8.72 0.63 -33.58
N GLN A 243 8.41 -0.68 -33.62
CA GLN A 243 7.04 -1.18 -33.63
C GLN A 243 6.32 -0.85 -32.30
N GLY A 244 7.01 -1.07 -31.20
CA GLY A 244 6.49 -0.85 -29.85
C GLY A 244 6.24 0.59 -29.45
N GLN A 245 6.91 1.56 -30.12
CA GLN A 245 6.81 3.01 -29.85
C GLN A 245 5.39 3.56 -29.84
N LEU A 246 4.47 2.94 -30.62
CA LEU A 246 3.08 3.38 -30.72
C LEU A 246 2.28 3.24 -29.42
N LEU A 247 2.11 2.00 -28.89
CA LEU A 247 1.31 1.79 -27.70
C LEU A 247 2.00 2.26 -26.40
N VAL A 248 3.33 2.51 -26.42
CA VAL A 248 4.05 3.04 -25.25
C VAL A 248 3.66 4.52 -25.09
N ASP A 249 3.54 5.25 -26.22
CA ASP A 249 3.11 6.65 -26.24
C ASP A 249 1.62 6.75 -25.86
N PHE A 250 0.85 5.66 -26.07
CA PHE A 250 -0.58 5.52 -25.74
C PHE A 250 -0.77 5.45 -24.23
N PHE A 251 -0.08 4.49 -23.57
CA PHE A 251 -0.15 4.29 -22.12
C PHE A 251 0.48 5.43 -21.30
N ASN A 252 1.40 6.20 -21.90
CA ASN A 252 2.01 7.36 -21.24
C ASN A 252 1.02 8.53 -21.24
N SER A 253 0.22 8.66 -22.33
CA SER A 253 -0.84 9.66 -22.49
C SER A 253 -2.00 9.28 -21.57
N LEU A 254 -2.22 7.96 -21.42
CA LEU A 254 -3.24 7.35 -20.58
C LEU A 254 -2.90 7.55 -19.10
N ASN A 255 -1.59 7.43 -18.75
CA ASN A 255 -1.12 7.65 -17.38
C ASN A 255 -1.25 9.13 -17.06
N GLU A 256 -1.00 10.01 -18.05
CA GLU A 256 -1.13 11.46 -17.93
C GLU A 256 -2.59 11.87 -17.80
N ALA A 257 -3.52 11.10 -18.42
CA ALA A 257 -4.97 11.32 -18.36
C ALA A 257 -5.52 10.95 -16.99
N THR A 258 -5.16 9.75 -16.49
CA THR A 258 -5.56 9.24 -15.18
C THR A 258 -4.94 10.06 -14.05
N MET A 259 -3.78 10.70 -14.31
CA MET A 259 -3.12 11.59 -13.35
C MET A 259 -3.61 13.04 -13.47
N LYS A 260 -4.52 13.29 -14.42
CA LYS A 260 -5.15 14.60 -14.58
C LYS A 260 -6.55 14.57 -13.98
N LEU A 261 -7.04 13.36 -13.70
CA LEU A 261 -8.33 13.11 -13.06
C LEU A 261 -8.11 13.14 -11.55
N VAL A 262 -6.89 12.76 -11.09
CA VAL A 262 -6.49 12.70 -9.69
C VAL A 262 -6.50 14.11 -9.02
N ALA A 263 -6.32 15.19 -9.83
CA ALA A 263 -6.32 16.57 -9.36
C ALA A 263 -7.65 16.97 -8.70
N ILE A 264 -8.78 16.47 -9.24
CA ILE A 264 -10.12 16.74 -8.72
C ILE A 264 -10.40 15.85 -7.48
N ILE A 265 -9.96 14.56 -7.51
CA ILE A 265 -10.12 13.59 -6.42
C ILE A 265 -9.39 14.05 -5.13
N MET A 266 -8.27 14.80 -5.29
CA MET A 266 -7.46 15.37 -4.20
C MET A 266 -8.26 16.41 -3.41
N TRP A 267 -9.18 17.13 -4.09
CA TRP A 267 -10.03 18.17 -3.49
C TRP A 267 -11.27 17.62 -2.79
N TYR A 268 -11.71 16.41 -3.18
CA TYR A 268 -12.87 15.75 -2.56
C TYR A 268 -12.43 15.02 -1.28
N ALA A 269 -11.12 14.73 -1.15
CA ALA A 269 -10.49 14.05 -0.01
C ALA A 269 -10.83 14.68 1.36
N PRO A 270 -10.71 16.02 1.60
CA PRO A 270 -11.08 16.55 2.92
C PRO A 270 -12.53 16.26 3.32
N LEU A 271 -13.49 16.42 2.37
CA LEU A 271 -14.91 16.14 2.57
C LEU A 271 -15.15 14.65 2.78
N GLY A 272 -14.34 13.83 2.11
CA GLY A 272 -14.40 12.39 2.20
C GLY A 272 -13.91 11.86 3.54
N ILE A 273 -12.62 12.12 3.84
CA ILE A 273 -11.91 11.69 5.06
C ILE A 273 -12.72 11.98 6.34
N LEU A 274 -13.21 13.23 6.53
CA LEU A 274 -13.97 13.60 7.73
C LEU A 274 -15.26 12.78 7.90
N PHE A 275 -15.93 12.41 6.80
CA PHE A 275 -17.15 11.61 6.84
C PHE A 275 -16.83 10.11 6.90
N LEU A 276 -15.64 9.70 6.41
CA LEU A 276 -15.20 8.31 6.38
C LEU A 276 -14.66 7.82 7.73
N ILE A 277 -13.80 8.63 8.38
CA ILE A 277 -13.22 8.24 9.68
C ILE A 277 -14.25 8.34 10.81
N ALA A 278 -15.24 9.26 10.68
CA ALA A 278 -16.31 9.46 11.67
C ALA A 278 -17.26 8.25 11.74
N GLY A 279 -17.51 7.63 10.59
CA GLY A 279 -18.34 6.44 10.48
C GLY A 279 -17.65 5.19 10.99
N LYS A 280 -16.30 5.22 11.02
CA LYS A 280 -15.46 4.11 11.50
C LYS A 280 -15.18 4.15 13.01
N ILE A 281 -15.25 5.35 13.64
CA ILE A 281 -15.03 5.48 15.08
C ILE A 281 -16.30 5.05 15.85
N VAL A 282 -17.48 5.30 15.26
CA VAL A 282 -18.79 4.95 15.82
C VAL A 282 -19.08 3.48 15.47
N GLU A 283 -18.82 2.57 16.43
CA GLU A 283 -19.02 1.13 16.25
C GLU A 283 -19.88 0.55 17.38
N MET A 296 -3.76 -4.19 25.69
CA MET A 296 -2.46 -3.55 25.58
C MET A 296 -1.77 -3.88 24.26
N TYR A 297 -2.33 -4.83 23.49
CA TYR A 297 -1.86 -5.28 22.18
C TYR A 297 -1.86 -4.13 21.16
N MET A 298 -2.92 -3.28 21.20
CA MET A 298 -3.11 -2.11 20.33
C MET A 298 -1.94 -1.14 20.50
N VAL A 299 -1.50 -0.94 21.76
CA VAL A 299 -0.39 -0.05 22.13
C VAL A 299 0.94 -0.65 21.62
N THR A 300 1.13 -1.99 21.73
CA THR A 300 2.32 -2.72 21.30
C THR A 300 2.62 -2.47 19.81
N VAL A 301 1.56 -2.56 18.96
CA VAL A 301 1.62 -2.36 17.50
C VAL A 301 2.14 -0.97 17.11
N ILE A 302 1.49 0.10 17.62
CA ILE A 302 1.84 1.50 17.35
C ILE A 302 3.29 1.81 17.75
N VAL A 303 3.77 1.22 18.88
CA VAL A 303 5.14 1.37 19.37
C VAL A 303 6.16 0.90 18.32
N GLY A 304 5.93 -0.29 17.76
CA GLY A 304 6.77 -0.88 16.72
C GLY A 304 6.64 -0.20 15.37
N LEU A 305 5.41 0.22 15.01
CA LEU A 305 5.09 0.87 13.75
C LEU A 305 5.69 2.28 13.64
N VAL A 306 5.64 3.06 14.72
CA VAL A 306 6.19 4.41 14.77
C VAL A 306 7.73 4.36 14.76
N ILE A 307 8.34 3.45 15.57
CA ILE A 307 9.79 3.28 15.65
C ILE A 307 10.38 2.79 14.31
N HIS A 308 9.60 2.05 13.51
CA HIS A 308 10.05 1.57 12.21
C HIS A 308 9.98 2.69 11.16
N GLY A 309 8.88 3.44 11.17
CA GLY A 309 8.62 4.53 10.23
C GLY A 309 9.31 5.85 10.52
N LEU A 310 9.75 6.07 11.78
CA LEU A 310 10.40 7.32 12.16
C LEU A 310 11.88 7.16 12.51
N ILE A 311 12.34 5.92 12.76
CA ILE A 311 13.75 5.66 13.07
C ILE A 311 14.38 4.72 12.02
N VAL A 312 13.92 3.46 11.94
CA VAL A 312 14.45 2.42 11.03
C VAL A 312 14.48 2.89 9.56
N LEU A 313 13.31 3.17 8.97
CA LEU A 313 13.19 3.61 7.57
C LEU A 313 13.93 4.94 7.26
N PRO A 314 13.74 6.06 8.02
CA PRO A 314 14.48 7.30 7.70
C PRO A 314 15.99 7.20 7.81
N LEU A 315 16.50 6.38 8.77
CA LEU A 315 17.94 6.18 8.94
C LEU A 315 18.54 5.36 7.80
N ILE A 316 17.73 4.50 7.15
CA ILE A 316 18.12 3.70 5.98
C ILE A 316 18.27 4.65 4.78
N TYR A 317 17.37 5.66 4.67
CA TYR A 317 17.38 6.69 3.63
C TYR A 317 18.62 7.60 3.77
N PHE A 318 18.86 8.12 5.00
CA PHE A 318 19.97 9.00 5.37
C PHE A 318 21.34 8.32 5.20
N LEU A 319 21.38 6.97 5.28
CA LEU A 319 22.59 6.16 5.15
C LEU A 319 23.13 6.13 3.71
N ILE A 320 22.24 6.07 2.71
CA ILE A 320 22.62 6.00 1.29
C ILE A 320 22.52 7.35 0.58
N THR A 321 21.35 8.01 0.64
CA THR A 321 21.11 9.30 -0.03
C THR A 321 21.89 10.46 0.57
N ARG A 322 22.21 10.38 1.90
CA ARG A 322 22.91 11.41 2.68
C ARG A 322 22.12 12.74 2.74
N LYS A 323 20.80 12.66 2.54
CA LYS A 323 19.87 13.79 2.55
C LYS A 323 18.83 13.63 3.66
N ASN A 324 18.35 14.76 4.21
CA ASN A 324 17.36 14.80 5.29
C ASN A 324 16.04 14.10 4.90
N PRO A 325 15.58 13.11 5.69
CA PRO A 325 14.36 12.39 5.34
C PRO A 325 13.07 13.17 5.59
N PHE A 326 13.03 14.03 6.63
CA PHE A 326 11.84 14.83 6.98
C PHE A 326 11.41 15.80 5.87
N VAL A 327 12.38 16.33 5.09
CA VAL A 327 12.15 17.24 3.96
C VAL A 327 11.43 16.45 2.85
N PHE A 328 11.81 15.17 2.66
CA PHE A 328 11.21 14.23 1.71
C PHE A 328 9.83 13.81 2.21
N ILE A 329 9.66 13.69 3.55
CA ILE A 329 8.41 13.34 4.22
C ILE A 329 7.38 14.49 4.10
N ALA A 330 7.88 15.75 4.14
CA ALA A 330 7.08 16.98 4.04
C ALA A 330 6.27 17.09 2.73
N GLY A 331 6.84 16.60 1.64
CA GLY A 331 6.21 16.60 0.32
C GLY A 331 5.09 15.58 0.23
N ILE A 332 5.35 14.34 0.71
CA ILE A 332 4.39 13.23 0.73
C ILE A 332 3.39 13.31 1.90
N LEU A 333 3.22 14.50 2.50
CA LEU A 333 2.29 14.72 3.61
C LEU A 333 0.83 14.57 3.17
N GLN A 334 0.49 15.03 1.94
CA GLN A 334 -0.86 14.95 1.36
C GLN A 334 -1.27 13.50 1.06
N ALA A 335 -0.28 12.59 0.94
CA ALA A 335 -0.48 11.16 0.70
C ALA A 335 -0.53 10.36 2.00
N LEU A 336 0.31 10.72 3.00
CA LEU A 336 0.38 10.05 4.30
C LEU A 336 -0.87 10.26 5.16
N ILE A 337 -1.53 11.44 5.03
CA ILE A 337 -2.76 11.76 5.75
C ILE A 337 -3.92 10.94 5.14
N THR A 338 -3.97 10.86 3.79
CA THR A 338 -4.98 10.08 3.04
C THR A 338 -4.83 8.57 3.30
N ALA A 339 -3.59 8.12 3.63
CA ALA A 339 -3.26 6.72 3.95
C ALA A 339 -4.01 6.23 5.18
N LEU A 340 -4.30 7.15 6.13
CA LEU A 340 -5.08 6.86 7.33
C LEU A 340 -6.55 6.63 6.94
N GLY A 341 -7.11 7.53 6.14
CA GLY A 341 -8.48 7.47 5.66
C GLY A 341 -8.80 6.28 4.76
N THR A 342 -7.96 6.08 3.72
CA THR A 342 -8.13 5.00 2.73
C THR A 342 -7.86 3.62 3.33
N SER A 343 -6.79 3.49 4.16
CA SER A 343 -6.32 2.26 4.80
C SER A 343 -5.90 1.18 3.79
N SER A 344 -5.51 1.62 2.56
CA SER A 344 -5.06 0.77 1.46
C SER A 344 -3.99 1.51 0.66
N SER A 345 -2.82 0.87 0.45
CA SER A 345 -1.68 1.44 -0.28
C SER A 345 -1.98 1.62 -1.77
N SER A 346 -2.91 0.78 -2.30
CA SER A 346 -3.38 0.81 -3.68
C SER A 346 -4.32 2.00 -3.90
N ALA A 347 -5.22 2.28 -2.93
CA ALA A 347 -6.18 3.38 -2.96
C ALA A 347 -5.50 4.75 -2.91
N THR A 348 -4.36 4.83 -2.20
CA THR A 348 -3.55 6.05 -2.07
C THR A 348 -2.50 6.23 -3.17
N LEU A 349 -2.21 5.15 -3.95
CA LEU A 349 -1.25 5.16 -5.06
C LEU A 349 -1.47 6.35 -6.02
N PRO A 350 -2.70 6.68 -6.49
CA PRO A 350 -2.86 7.85 -7.38
C PRO A 350 -2.43 9.19 -6.75
N ILE A 351 -2.60 9.36 -5.43
CA ILE A 351 -2.20 10.57 -4.70
C ILE A 351 -0.69 10.54 -4.43
N THR A 352 -0.17 9.38 -3.93
CA THR A 352 1.24 9.15 -3.62
C THR A 352 2.11 9.46 -4.83
N PHE A 353 1.61 9.14 -6.04
CA PHE A 353 2.27 9.40 -7.32
C PHE A 353 2.50 10.91 -7.52
N LYS A 354 1.44 11.73 -7.30
CA LYS A 354 1.51 13.21 -7.44
C LYS A 354 2.36 13.84 -6.34
N CYS A 355 2.34 13.27 -5.12
CA CYS A 355 3.13 13.76 -3.98
C CYS A 355 4.63 13.52 -4.15
N LEU A 356 5.02 12.64 -5.08
CA LEU A 356 6.42 12.33 -5.37
C LEU A 356 6.87 13.04 -6.65
N GLU A 357 6.03 13.00 -7.70
CA GLU A 357 6.32 13.62 -9.00
C GLU A 357 6.22 15.15 -8.97
N GLU A 358 5.30 15.73 -8.16
CA GLU A 358 5.07 17.17 -8.08
C GLU A 358 5.61 17.83 -6.81
N ASN A 359 5.26 17.31 -5.61
CA ASN A 359 5.68 17.89 -4.34
C ASN A 359 7.17 17.73 -4.03
N ASN A 360 7.70 16.48 -4.08
CA ASN A 360 9.12 16.21 -3.80
C ASN A 360 10.03 16.34 -5.00
N GLY A 361 9.47 16.26 -6.20
CA GLY A 361 10.19 16.37 -7.46
C GLY A 361 11.08 15.18 -7.74
N VAL A 362 10.46 14.01 -7.91
CA VAL A 362 11.15 12.74 -8.18
C VAL A 362 10.86 12.32 -9.64
N ASP A 363 11.89 11.76 -10.34
CA ASP A 363 11.82 11.31 -11.72
C ASP A 363 10.74 10.24 -11.94
N LYS A 364 9.86 10.47 -12.94
CA LYS A 364 8.73 9.60 -13.30
C LYS A 364 9.13 8.18 -13.67
N ARG A 365 10.25 8.01 -14.40
CA ARG A 365 10.79 6.74 -14.87
C ARG A 365 11.02 5.70 -13.77
N ILE A 366 11.38 6.15 -12.55
CA ILE A 366 11.64 5.25 -11.41
C ILE A 366 10.42 5.12 -10.48
N THR A 367 9.59 6.18 -10.36
CA THR A 367 8.37 6.15 -9.52
C THR A 367 7.35 5.18 -10.11
N ARG A 368 7.23 5.16 -11.45
CA ARG A 368 6.35 4.27 -12.21
C ARG A 368 6.82 2.81 -12.15
N PHE A 369 8.07 2.60 -11.66
CA PHE A 369 8.73 1.30 -11.54
C PHE A 369 8.69 0.76 -10.10
N VAL A 370 8.79 1.66 -9.10
CA VAL A 370 8.84 1.34 -7.68
C VAL A 370 7.45 1.30 -7.02
N LEU A 371 6.63 2.35 -7.22
CA LEU A 371 5.31 2.50 -6.60
C LEU A 371 4.30 1.33 -6.84
N PRO A 372 4.04 0.81 -8.08
CA PRO A 372 3.04 -0.28 -8.22
C PRO A 372 3.42 -1.59 -7.53
N VAL A 373 4.71 -1.97 -7.62
CA VAL A 373 5.31 -3.18 -7.00
C VAL A 373 5.27 -3.03 -5.48
N GLY A 374 5.65 -1.84 -4.99
CA GLY A 374 5.67 -1.48 -3.58
C GLY A 374 4.31 -1.52 -2.91
N ALA A 375 3.24 -1.29 -3.68
CA ALA A 375 1.87 -1.33 -3.16
C ALA A 375 1.41 -2.76 -2.82
N THR A 376 2.18 -3.78 -3.24
CA THR A 376 1.85 -5.19 -3.02
C THR A 376 2.94 -6.03 -2.34
N ILE A 377 4.18 -5.94 -2.87
CA ILE A 377 5.35 -6.70 -2.42
C ILE A 377 5.85 -6.26 -1.01
N ASN A 378 5.83 -4.93 -0.71
CA ASN A 378 6.29 -4.36 0.56
C ASN A 378 5.48 -4.88 1.75
N MET A 379 6.18 -5.40 2.76
CA MET A 379 5.59 -5.99 3.96
C MET A 379 6.01 -5.25 5.25
N ASP A 380 6.85 -4.19 5.14
CA ASP A 380 7.38 -3.37 6.23
C ASP A 380 6.41 -3.09 7.39
N GLY A 381 5.17 -2.72 7.06
CA GLY A 381 4.14 -2.39 8.05
C GLY A 381 3.15 -3.49 8.36
N THR A 382 2.72 -4.24 7.32
CA THR A 382 1.71 -5.30 7.46
C THR A 382 2.28 -6.60 8.09
N ALA A 383 3.58 -6.92 7.87
CA ALA A 383 4.19 -8.11 8.48
C ALA A 383 4.50 -7.83 9.95
N LEU A 384 4.82 -6.56 10.27
CA LEU A 384 5.11 -6.07 11.63
C LEU A 384 3.82 -6.07 12.48
N TYR A 385 2.64 -5.98 11.83
CA TYR A 385 1.33 -5.99 12.46
C TYR A 385 0.85 -7.42 12.72
N GLU A 386 1.06 -8.32 11.74
CA GLU A 386 0.67 -9.73 11.77
C GLU A 386 1.56 -10.62 12.65
N ALA A 387 2.87 -10.32 12.74
CA ALA A 387 3.81 -11.10 13.56
C ALA A 387 3.51 -10.90 15.07
N VAL A 388 3.14 -9.66 15.45
CA VAL A 388 2.78 -9.28 16.83
C VAL A 388 1.40 -9.89 17.18
N ALA A 389 0.51 -10.01 16.18
CA ALA A 389 -0.83 -10.60 16.33
C ALA A 389 -0.80 -12.08 16.71
N ALA A 390 0.20 -12.84 16.20
CA ALA A 390 0.37 -14.27 16.45
C ALA A 390 0.83 -14.60 17.87
N ILE A 391 1.78 -13.82 18.42
CA ILE A 391 2.35 -14.01 19.75
C ILE A 391 1.38 -13.61 20.88
N PHE A 392 0.67 -12.48 20.72
CA PHE A 392 -0.29 -11.95 21.68
C PHE A 392 -1.43 -12.93 22.02
N ILE A 393 -1.96 -13.64 21.00
CA ILE A 393 -3.07 -14.58 21.19
C ILE A 393 -2.56 -15.98 21.66
N ALA A 394 -1.27 -16.27 21.44
CA ALA A 394 -0.64 -17.54 21.82
C ALA A 394 -0.47 -17.71 23.34
N GLN A 395 -0.41 -16.58 24.08
CA GLN A 395 -0.27 -16.51 25.53
C GLN A 395 -1.48 -17.12 26.24
N ILE A 406 9.06 -20.30 15.05
CA ILE A 406 9.43 -18.89 14.95
C ILE A 406 9.69 -18.51 13.48
N ILE A 407 10.50 -19.32 12.76
CA ILE A 407 10.84 -19.13 11.34
C ILE A 407 9.62 -19.48 10.47
N THR A 408 8.87 -20.53 10.85
CA THR A 408 7.67 -21.01 10.16
C THR A 408 6.51 -20.01 10.16
N ILE A 409 6.36 -19.24 11.25
CA ILE A 409 5.31 -18.22 11.42
C ILE A 409 5.56 -16.99 10.53
N SER A 410 6.82 -16.54 10.43
CA SER A 410 7.25 -15.37 9.66
C SER A 410 7.03 -15.50 8.14
N ILE A 411 7.41 -16.65 7.54
CA ILE A 411 7.28 -16.92 6.09
C ILE A 411 5.80 -16.99 5.69
N THR A 412 4.97 -17.65 6.51
CA THR A 412 3.51 -17.80 6.29
C THR A 412 2.77 -16.47 6.38
N ALA A 413 3.22 -15.56 7.27
CA ALA A 413 2.64 -14.23 7.46
C ALA A 413 2.99 -13.28 6.31
N THR A 414 4.15 -13.52 5.67
CA THR A 414 4.63 -12.73 4.54
C THR A 414 3.82 -13.06 3.28
N ALA A 415 3.74 -14.37 2.92
CA ALA A 415 3.01 -14.88 1.76
C ALA A 415 1.47 -14.74 1.84
N ALA A 416 0.96 -14.32 3.02
CA ALA A 416 -0.47 -14.13 3.25
C ALA A 416 -0.98 -12.82 2.65
N SER A 417 -0.37 -11.67 3.05
CA SER A 417 -0.75 -10.34 2.58
C SER A 417 -0.38 -10.06 1.12
N ILE A 418 0.63 -10.77 0.57
CA ILE A 418 1.04 -10.64 -0.84
C ILE A 418 -0.02 -11.35 -1.70
N GLY A 419 -0.56 -12.45 -1.18
CA GLY A 419 -1.62 -13.23 -1.81
C GLY A 419 -2.95 -12.51 -1.80
N ALA A 420 -3.19 -11.70 -0.74
CA ALA A 420 -4.39 -10.88 -0.54
C ALA A 420 -4.01 -9.40 -0.72
N ALA A 421 -3.73 -9.00 -1.98
CA ALA A 421 -3.28 -7.69 -2.42
C ALA A 421 -4.20 -6.50 -2.03
N GLY A 422 -5.31 -6.33 -2.74
CA GLY A 422 -6.27 -5.26 -2.50
C GLY A 422 -7.70 -5.72 -2.30
N ILE A 423 -7.88 -7.01 -1.96
CA ILE A 423 -9.18 -7.65 -1.71
C ILE A 423 -9.78 -7.16 -0.37
N PRO A 424 -11.10 -6.82 -0.30
CA PRO A 424 -11.68 -6.33 0.97
C PRO A 424 -11.59 -7.32 2.12
N GLN A 425 -11.24 -6.81 3.33
CA GLN A 425 -11.05 -7.55 4.59
C GLN A 425 -9.92 -8.60 4.44
N ALA A 426 -8.79 -8.15 3.87
CA ALA A 426 -7.59 -8.96 3.62
C ALA A 426 -6.93 -9.44 4.92
N GLY A 427 -6.76 -8.54 5.88
CA GLY A 427 -6.16 -8.83 7.19
C GLY A 427 -6.99 -9.76 8.06
N LEU A 428 -8.32 -9.77 7.86
CA LEU A 428 -9.27 -10.59 8.61
C LEU A 428 -9.13 -12.08 8.27
N VAL A 429 -9.09 -12.43 6.97
CA VAL A 429 -8.99 -13.81 6.50
C VAL A 429 -7.58 -14.38 6.61
N THR A 430 -6.53 -13.58 6.30
CA THR A 430 -5.13 -14.00 6.35
C THR A 430 -4.66 -14.41 7.75
N MET A 431 -5.19 -13.75 8.80
CA MET A 431 -4.86 -14.06 10.19
C MET A 431 -5.45 -15.41 10.63
N VAL A 432 -6.52 -15.87 9.97
CA VAL A 432 -7.18 -17.16 10.23
C VAL A 432 -6.29 -18.29 9.70
N ILE A 433 -5.83 -18.16 8.43
CA ILE A 433 -4.99 -19.14 7.73
C ILE A 433 -3.62 -19.32 8.40
N VAL A 434 -3.02 -18.23 8.93
CA VAL A 434 -1.72 -18.28 9.60
C VAL A 434 -1.78 -19.03 10.96
N LEU A 435 -2.98 -19.11 11.58
CA LEU A 435 -3.19 -19.80 12.85
C LEU A 435 -3.28 -21.32 12.73
N THR A 436 -3.55 -21.83 11.51
CA THR A 436 -3.65 -23.27 11.24
C THR A 436 -2.26 -23.92 11.26
N ALA A 437 -1.22 -23.18 10.79
CA ALA A 437 0.17 -23.63 10.76
C ALA A 437 0.77 -23.71 12.17
N VAL A 438 0.41 -22.76 13.05
CA VAL A 438 0.89 -22.69 14.44
C VAL A 438 0.00 -23.54 15.39
N GLY A 439 -1.26 -23.73 15.03
CA GLY A 439 -2.23 -24.50 15.81
C GLY A 439 -2.81 -23.72 16.96
N LEU A 440 -3.49 -22.59 16.65
CA LEU A 440 -4.11 -21.71 17.63
C LEU A 440 -5.61 -21.48 17.30
N PRO A 441 -6.51 -21.36 18.32
CA PRO A 441 -7.94 -21.16 18.01
C PRO A 441 -8.27 -19.83 17.33
N THR A 442 -9.41 -19.81 16.62
CA THR A 442 -9.91 -18.64 15.88
C THR A 442 -10.90 -17.79 16.70
N ASP A 443 -11.03 -18.09 18.01
CA ASP A 443 -11.92 -17.40 18.95
C ASP A 443 -11.41 -15.98 19.27
N ASP A 444 -10.08 -15.79 19.25
CA ASP A 444 -9.41 -14.51 19.55
C ASP A 444 -9.60 -13.44 18.47
N ILE A 445 -9.96 -13.85 17.24
CA ILE A 445 -10.17 -12.97 16.09
C ILE A 445 -11.39 -12.05 16.29
N THR A 446 -12.43 -12.52 17.02
CA THR A 446 -13.66 -11.78 17.32
C THR A 446 -13.42 -10.47 18.12
N LEU A 447 -12.21 -10.29 18.67
CA LEU A 447 -11.82 -9.10 19.44
C LEU A 447 -10.95 -8.10 18.66
N ILE A 448 -10.05 -8.60 17.79
CA ILE A 448 -9.13 -7.75 17.01
C ILE A 448 -9.85 -6.96 15.89
N ILE A 449 -11.04 -7.42 15.44
CA ILE A 449 -11.83 -6.74 14.40
C ILE A 449 -12.30 -5.36 14.88
N ALA A 450 -12.68 -5.26 16.17
CA ALA A 450 -13.13 -4.02 16.81
C ALA A 450 -11.97 -3.07 17.17
N VAL A 451 -10.72 -3.43 16.82
CA VAL A 451 -9.53 -2.61 17.09
C VAL A 451 -8.69 -2.38 15.81
N ASP A 452 -8.88 -3.23 14.77
CA ASP A 452 -8.19 -3.14 13.49
C ASP A 452 -8.60 -1.89 12.70
N TRP A 453 -9.85 -1.40 12.90
CA TRP A 453 -10.41 -0.22 12.22
C TRP A 453 -9.57 1.06 12.39
N LEU A 454 -8.71 1.12 13.41
CA LEU A 454 -7.82 2.26 13.68
C LEU A 454 -6.35 1.85 13.48
N LEU A 455 -6.02 0.56 13.71
CA LEU A 455 -4.68 0.02 13.57
C LEU A 455 -4.25 -0.23 12.12
N ASP A 456 -5.20 -0.57 11.23
CA ASP A 456 -4.96 -0.81 9.79
C ASP A 456 -4.64 0.50 9.06
N ARG A 457 -5.09 1.64 9.63
CA ARG A 457 -4.88 2.99 9.10
C ARG A 457 -3.41 3.38 9.23
N PHE A 458 -2.74 2.95 10.33
CA PHE A 458 -1.32 3.19 10.58
C PHE A 458 -0.44 2.17 9.88
N ARG A 459 -0.99 0.96 9.62
CA ARG A 459 -0.35 -0.15 8.91
C ARG A 459 0.01 0.29 7.48
N THR A 460 -0.96 0.94 6.80
CA THR A 460 -0.85 1.48 5.45
C THR A 460 0.10 2.67 5.42
N MET A 461 0.02 3.55 6.45
CA MET A 461 0.84 4.76 6.60
C MET A 461 2.35 4.44 6.56
N VAL A 462 2.75 3.29 7.15
CA VAL A 462 4.14 2.81 7.16
C VAL A 462 4.46 2.23 5.77
N ASN A 463 3.51 1.49 5.17
CA ASN A 463 3.63 0.87 3.85
C ASN A 463 3.82 1.90 2.73
N VAL A 464 3.05 3.01 2.75
CA VAL A 464 3.10 4.12 1.78
C VAL A 464 4.42 4.89 1.91
N LEU A 465 4.86 5.13 3.16
CA LEU A 465 6.12 5.81 3.46
C LEU A 465 7.31 4.99 2.97
N GLY A 466 7.23 3.67 3.12
CA GLY A 466 8.25 2.70 2.69
C GLY A 466 8.48 2.73 1.20
N ASP A 467 7.39 2.74 0.41
CA ASP A 467 7.43 2.78 -1.07
C ASP A 467 7.95 4.14 -1.56
N ALA A 468 7.57 5.23 -0.87
CA ALA A 468 8.00 6.60 -1.18
C ALA A 468 9.49 6.77 -0.88
N LEU A 469 9.95 6.35 0.32
CA LEU A 469 11.36 6.40 0.71
C LEU A 469 12.21 5.40 -0.07
N GLY A 470 11.57 4.32 -0.54
CA GLY A 470 12.22 3.32 -1.36
C GLY A 470 12.63 3.88 -2.70
N ALA A 471 11.72 4.69 -3.31
CA ALA A 471 11.93 5.37 -4.58
C ALA A 471 13.05 6.42 -4.49
N GLY A 472 13.16 7.04 -3.31
CA GLY A 472 14.20 8.03 -3.00
C GLY A 472 15.58 7.42 -2.98
N ILE A 473 15.69 6.19 -2.42
CA ILE A 473 16.94 5.42 -2.34
C ILE A 473 17.28 4.88 -3.74
N VAL A 474 16.26 4.39 -4.48
CA VAL A 474 16.40 3.86 -5.85
C VAL A 474 16.95 4.94 -6.80
N GLU A 475 16.36 6.16 -6.79
CA GLU A 475 16.77 7.29 -7.63
C GLU A 475 18.26 7.62 -7.44
N HIS A 476 18.70 7.77 -6.18
CA HIS A 476 20.09 8.04 -5.82
C HIS A 476 21.04 6.90 -6.17
N LEU A 477 20.56 5.64 -6.07
CA LEU A 477 21.35 4.44 -6.37
C LEU A 477 21.25 4.01 -7.85
N SER A 478 20.54 4.82 -8.68
CA SER A 478 20.39 4.58 -10.12
C SER A 478 20.45 5.88 -10.95
N ARG A 479 21.16 6.91 -10.43
CA ARG A 479 21.35 8.21 -11.10
C ARG A 479 22.11 8.06 -12.42
N LYS A 480 23.14 7.19 -12.45
CA LYS A 480 23.96 6.93 -13.63
C LYS A 480 23.18 6.20 -14.73
N GLU A 481 22.20 5.36 -14.34
CA GLU A 481 21.35 4.61 -15.28
C GLU A 481 20.36 5.57 -15.94
N LEU A 482 19.84 6.55 -15.19
CA LEU A 482 18.89 7.55 -15.66
C LEU A 482 19.55 8.57 -16.59
N GLU A 483 20.85 8.89 -16.35
CA GLU A 483 21.64 9.81 -17.17
C GLU A 483 21.99 9.20 -18.53
N LYS A 484 22.07 7.85 -18.60
CA LYS A 484 22.40 7.07 -19.80
C LYS A 484 21.31 7.22 -20.88
N GLN A 485 20.04 7.31 -20.46
CA GLN A 485 18.86 7.45 -21.34
C GLN A 485 18.78 8.83 -21.99
N ASP A 486 19.05 9.91 -21.21
CA ASP A 486 19.00 11.30 -21.65
C ASP A 486 20.05 11.60 -22.73
N1 6Z6 B . 10.15 -3.25 -8.14
C2 6Z6 B . 9.42 -8.10 -7.38
O2 6Z6 B . 10.65 -4.92 -12.63
C4 6Z6 B . 10.37 -7.01 -9.37
C5 6Z6 B . 9.55 -7.82 -10.19
C6 6Z6 B . 8.67 -8.77 -9.64
O1 6Z6 B . 13.37 -8.07 -10.21
C9 6Z6 B . 12.95 -7.58 -11.26
C8 6Z6 B . 11.90 -6.51 -11.30
C13 6Z6 B . 11.51 -6.00 -12.50
C14 6Z6 B . 10.19 -4.31 -11.46
N 6Z6 B . 9.45 -3.19 -11.78
C15 6Z6 B . 10.56 -4.71 -10.20
C16 6Z6 B . 10.33 -3.91 -9.07
C7 6Z6 B . 11.33 -5.99 -9.98
C3 6Z6 B . 10.29 -7.15 -7.96
C1 6Z6 B . 8.61 -8.91 -8.23
O 6Z6 B . 7.78 -9.83 -7.60
C 6Z6 B . 8.19 -11.18 -7.56
C10 6Z6 B . 13.53 -8.11 -12.56
C11 6Z6 B . 13.19 -7.37 -13.89
C12 6Z6 B . 11.92 -6.47 -13.87
C17 6Z6 B . 13.13 -8.30 -15.10
C18 6Z6 B . 13.99 -8.03 -16.16
C19 6Z6 B . 14.05 -8.83 -17.34
C20 6Z6 B . 13.23 -9.94 -17.47
C21 6Z6 B . 12.31 -10.30 -16.44
C26 6Z6 B . 12.23 -9.49 -15.24
C22 6Z6 B . 11.48 -11.46 -16.62
C23 6Z6 B . 10.58 -11.84 -15.63
C24 6Z6 B . 10.47 -11.07 -14.44
C25 6Z6 B . 11.26 -9.94 -14.25
BA BA C . 13.15 1.82 -26.27
BA BA D . 9.69 -4.42 1.95
RB RB E . -4.93 -2.56 3.78
#